data_9GFP
#
_entry.id   9GFP
#
_cell.length_a   42.613
_cell.length_b   77.601
_cell.length_c   184.947
_cell.angle_alpha   90.00
_cell.angle_beta   90.00
_cell.angle_gamma   90.00
#
_symmetry.space_group_name_H-M   'P 21 21 21'
#
loop_
_entity.id
_entity.type
_entity.pdbx_description
1 polymer 'HTH-type transcriptional activator CsvR'
2 water water
#
_entity_poly.entity_id   1
_entity_poly.type   'polypeptide(L)'
_entity_poly.pdbx_seq_one_letter_code
;MDFKYTEEKELIKINNVMIHKYTILYTSNCILDISFGEDKITCFNNRLVFLERGVNISVRIQKQKLTEKPYVAFRLNENV
LRHLKNTLMIIYGMSKIDSCECRGVSRKIMTTEVDKMLLNVLREMMGHHNDDSSFISALIYLISKIKCNDKIIESLYMSS
ITFFTDKVRGVIEKDLSRKWTLAIIADVFNVSEITIRKRLESEDTNFNQILMQSRMSKAALLLLENSYQISQISNMIGIS
SASYFIRIFNKHFGVTPKQFFNYFKGG
;
_entity_poly.pdbx_strand_id   A,B
#
# COMPACT_ATOMS: atom_id res chain seq x y z
N GLU A 8 0.03 17.68 -37.53
CA GLU A 8 1.04 16.72 -37.00
C GLU A 8 0.84 15.37 -37.70
N LYS A 9 1.18 14.27 -37.00
CA LYS A 9 0.93 12.94 -37.52
C LYS A 9 0.60 12.03 -36.33
N GLU A 10 -0.32 11.08 -36.53
CA GLU A 10 -0.89 10.30 -35.44
C GLU A 10 -0.12 9.00 -35.22
N LEU A 11 0.59 8.53 -36.24
CA LEU A 11 1.39 7.33 -36.08
C LEU A 11 2.87 7.70 -35.87
N ILE A 12 3.55 6.95 -34.98
CA ILE A 12 4.98 7.07 -34.84
C ILE A 12 5.55 5.69 -34.56
N LYS A 13 6.83 5.52 -34.90
CA LYS A 13 7.52 4.26 -34.65
C LYS A 13 8.92 4.54 -34.13
N ILE A 14 9.20 3.95 -32.96
CA ILE A 14 10.37 4.24 -32.16
C ILE A 14 11.06 2.93 -31.81
N ASN A 15 12.40 2.93 -31.93
CA ASN A 15 13.17 1.70 -31.85
C ASN A 15 14.22 1.82 -30.76
N ASN A 16 14.88 0.71 -30.44
CA ASN A 16 15.99 0.77 -29.51
C ASN A 16 15.53 1.38 -28.19
N VAL A 17 14.34 0.96 -27.77
CA VAL A 17 13.82 1.43 -26.52
C VAL A 17 14.14 0.39 -25.47
N MET A 18 15.19 0.65 -24.72
CA MET A 18 15.51 -0.02 -23.47
C MET A 18 14.67 0.60 -22.37
N ILE A 19 14.03 -0.28 -21.57
CA ILE A 19 13.33 0.13 -20.37
C ILE A 19 14.28 0.06 -19.17
N HIS A 20 14.78 1.23 -18.77
CA HIS A 20 15.83 1.34 -17.77
C HIS A 20 15.27 1.10 -16.40
N LYS A 21 13.99 1.43 -16.23
CA LYS A 21 13.32 1.33 -14.95
C LYS A 21 11.92 0.80 -15.15
N TYR A 22 11.55 -0.24 -14.39
CA TYR A 22 10.19 -0.71 -14.41
C TYR A 22 9.24 0.40 -14.86
N THR A 23 8.50 0.16 -15.95
CA THR A 23 7.56 1.19 -16.37
C THR A 23 6.14 0.64 -16.43
N ILE A 24 5.21 1.49 -16.03
CA ILE A 24 3.80 1.21 -16.09
C ILE A 24 3.19 2.26 -17.00
N LEU A 25 2.41 1.87 -18.01
CA LEU A 25 1.88 2.82 -18.98
C LEU A 25 0.37 2.80 -18.93
N TYR A 26 -0.27 3.96 -18.97
CA TYR A 26 -1.69 3.91 -19.16
C TYR A 26 -2.01 4.58 -20.49
N THR A 27 -2.56 3.80 -21.42
CA THR A 27 -2.74 4.27 -22.79
C THR A 27 -3.95 5.18 -22.86
N SER A 28 -3.77 6.39 -22.33
CA SER A 28 -4.85 7.38 -22.28
C SER A 28 -5.43 7.60 -23.67
N ASN A 29 -4.55 7.75 -24.66
CA ASN A 29 -4.90 8.42 -25.89
C ASN A 29 -4.19 7.77 -27.08
N CYS A 30 -4.17 6.43 -27.13
CA CYS A 30 -3.30 5.78 -28.09
C CYS A 30 -3.34 4.26 -28.00
N ILE A 31 -2.95 3.64 -29.10
CA ILE A 31 -3.00 2.19 -29.19
C ILE A 31 -1.59 1.81 -29.53
N LEU A 32 -1.12 0.82 -28.78
CA LEU A 32 0.29 0.61 -28.57
C LEU A 32 0.69 -0.82 -28.94
N ASP A 33 1.59 -0.92 -29.94
CA ASP A 33 2.08 -2.17 -30.47
C ASP A 33 3.55 -2.32 -30.15
N ILE A 34 3.86 -3.32 -29.33
CA ILE A 34 5.17 -3.43 -28.76
C ILE A 34 5.85 -4.61 -29.37
N SER A 35 7.01 -4.37 -29.96
CA SER A 35 7.72 -5.43 -30.60
C SER A 35 8.90 -5.80 -29.69
N PHE A 36 8.75 -6.93 -28.99
CA PHE A 36 9.77 -7.44 -28.09
C PHE A 36 10.38 -8.70 -28.68
N GLY A 37 11.61 -8.57 -29.19
CA GLY A 37 12.25 -9.68 -29.89
C GLY A 37 11.50 -10.02 -31.19
N GLU A 38 11.15 -11.30 -31.36
CA GLU A 38 10.31 -11.70 -32.47
C GLU A 38 8.83 -11.68 -32.06
N ASP A 39 8.51 -11.13 -30.88
CA ASP A 39 7.14 -11.10 -30.41
C ASP A 39 6.59 -9.68 -30.47
N LYS A 40 5.27 -9.61 -30.28
CA LYS A 40 4.50 -8.41 -30.48
C LYS A 40 3.24 -8.53 -29.64
N ILE A 41 2.77 -7.36 -29.17
CA ILE A 41 1.89 -7.23 -28.02
C ILE A 41 1.17 -5.89 -28.15
N THR A 42 -0.13 -5.85 -27.84
CA THR A 42 -0.99 -4.75 -28.25
C THR A 42 -1.78 -4.15 -27.08
N CYS A 43 -1.78 -2.82 -26.96
CA CYS A 43 -2.51 -2.18 -25.88
C CYS A 43 -3.44 -1.08 -26.37
N PHE A 44 -4.73 -1.25 -26.14
CA PHE A 44 -5.67 -0.29 -26.64
C PHE A 44 -6.08 0.71 -25.56
N ASN A 45 -6.37 1.95 -25.94
CA ASN A 45 -7.30 2.79 -25.21
C ASN A 45 -7.05 2.76 -23.71
N ASN A 46 -8.02 3.28 -22.95
CA ASN A 46 -8.08 3.11 -21.50
C ASN A 46 -7.55 1.72 -21.08
N ARG A 47 -6.24 1.57 -20.88
CA ARG A 47 -5.65 0.32 -20.40
C ARG A 47 -4.24 0.49 -19.79
N LEU A 48 -3.82 -0.53 -19.04
CA LEU A 48 -2.59 -0.47 -18.29
C LEU A 48 -1.60 -1.45 -18.86
N VAL A 49 -0.32 -1.09 -18.82
CA VAL A 49 0.77 -1.87 -19.39
C VAL A 49 1.92 -1.94 -18.40
N PHE A 50 2.45 -3.14 -18.15
CA PHE A 50 3.53 -3.29 -17.19
C PHE A 50 4.78 -3.72 -17.95
N LEU A 51 5.84 -2.91 -17.88
CA LEU A 51 7.03 -3.21 -18.65
C LEU A 51 8.20 -3.52 -17.71
N GLU A 52 8.62 -4.80 -17.76
CA GLU A 52 9.71 -5.31 -16.97
C GLU A 52 10.92 -4.43 -17.26
N ARG A 53 11.62 -4.02 -16.19
CA ARG A 53 12.90 -3.35 -16.29
C ARG A 53 13.82 -4.22 -17.15
N GLY A 54 14.50 -3.56 -18.09
CA GLY A 54 15.59 -4.16 -18.84
C GLY A 54 15.15 -4.82 -20.15
N VAL A 55 13.93 -4.59 -20.62
CA VAL A 55 13.50 -5.10 -21.93
C VAL A 55 13.96 -4.13 -23.01
N ASN A 56 14.31 -4.66 -24.19
CA ASN A 56 14.56 -3.77 -25.32
C ASN A 56 13.43 -4.01 -26.31
N ILE A 57 12.93 -2.92 -26.93
CA ILE A 57 11.74 -3.00 -27.75
C ILE A 57 11.79 -1.99 -28.89
N SER A 58 10.92 -2.27 -29.88
CA SER A 58 10.37 -1.26 -30.79
C SER A 58 8.92 -1.05 -30.43
N VAL A 59 8.40 0.14 -30.71
CA VAL A 59 7.01 0.43 -30.41
C VAL A 59 6.43 1.25 -31.54
N ARG A 60 5.14 1.04 -31.76
CA ARG A 60 4.40 1.74 -32.79
C ARG A 60 3.17 2.30 -32.11
N ILE A 61 3.00 3.62 -32.17
CA ILE A 61 2.00 4.27 -31.36
C ILE A 61 1.03 4.97 -32.29
N GLN A 62 -0.25 4.62 -32.19
CA GLN A 62 -1.28 5.30 -32.93
C GLN A 62 -2.07 6.14 -31.94
N LYS A 63 -2.13 7.46 -32.15
CA LYS A 63 -2.89 8.30 -31.24
C LYS A 63 -4.38 8.18 -31.50
N GLN A 64 -5.19 8.44 -30.49
CA GLN A 64 -6.62 8.69 -30.68
C GLN A 64 -6.82 10.17 -31.03
N LYS A 65 -6.44 11.05 -30.11
CA LYS A 65 -6.60 12.49 -30.28
C LYS A 65 -5.23 13.08 -30.55
N LEU A 66 -5.08 13.92 -31.57
CA LEU A 66 -3.76 14.39 -31.98
C LEU A 66 -3.36 15.62 -31.18
N THR A 67 -4.29 16.27 -30.46
CA THR A 67 -3.96 17.41 -29.63
C THR A 67 -3.27 16.96 -28.36
N GLU A 68 -3.27 15.65 -28.06
CA GLU A 68 -2.94 15.16 -26.74
C GLU A 68 -1.87 14.09 -26.80
N LYS A 69 -1.31 13.84 -25.62
CA LYS A 69 -0.07 13.10 -25.47
C LYS A 69 -0.45 11.64 -25.28
N PRO A 70 0.15 10.74 -26.11
CA PRO A 70 -0.39 9.42 -26.39
C PRO A 70 -0.64 8.51 -25.19
N TYR A 71 0.21 8.60 -24.16
CA TYR A 71 -0.03 7.84 -22.93
C TYR A 71 0.53 8.57 -21.72
N VAL A 72 0.24 7.96 -20.57
CA VAL A 72 0.76 8.29 -19.25
C VAL A 72 1.75 7.24 -18.78
N ALA A 73 2.84 7.74 -18.21
CA ALA A 73 3.99 6.91 -17.91
C ALA A 73 4.36 7.03 -16.43
N PHE A 74 4.67 5.87 -15.84
CA PHE A 74 5.23 5.78 -14.50
C PHE A 74 6.57 5.06 -14.65
N ARG A 75 7.64 5.81 -14.43
CA ARG A 75 8.93 5.21 -14.23
C ARG A 75 9.15 5.10 -12.72
N LEU A 76 9.45 3.87 -12.29
CA LEU A 76 9.81 3.57 -10.92
C LEU A 76 11.32 3.70 -10.76
N ASN A 77 11.73 4.73 -10.01
CA ASN A 77 13.12 4.86 -9.60
C ASN A 77 13.44 3.66 -8.70
N GLU A 78 14.73 3.48 -8.38
CA GLU A 78 15.20 2.20 -7.89
C GLU A 78 14.83 2.07 -6.43
N ASN A 79 14.83 3.19 -5.74
CA ASN A 79 14.31 3.23 -4.38
C ASN A 79 12.91 2.62 -4.35
N VAL A 80 12.00 3.25 -5.09
CA VAL A 80 10.58 2.94 -5.03
C VAL A 80 10.32 1.51 -5.50
N LEU A 81 11.08 1.09 -6.50
CA LEU A 81 10.90 -0.24 -7.02
C LEU A 81 11.31 -1.21 -5.92
N ARG A 82 12.35 -0.88 -5.13
CA ARG A 82 12.83 -1.77 -4.07
C ARG A 82 11.77 -1.89 -2.97
N HIS A 83 11.07 -0.79 -2.71
CA HIS A 83 10.06 -0.73 -1.67
C HIS A 83 8.84 -1.57 -2.06
N LEU A 84 8.30 -1.34 -3.25
CA LEU A 84 7.24 -2.22 -3.72
C LEU A 84 7.62 -3.67 -3.48
N LYS A 85 8.77 -4.05 -4.02
CA LYS A 85 9.10 -5.44 -4.22
C LYS A 85 9.07 -6.14 -2.87
N ASN A 86 9.73 -5.52 -1.90
CA ASN A 86 9.82 -6.08 -0.56
C ASN A 86 8.42 -6.14 0.01
N THR A 87 7.77 -4.98 0.01
CA THR A 87 6.42 -4.87 0.48
C THR A 87 5.62 -6.05 -0.07
N LEU A 88 5.43 -6.10 -1.38
CA LEU A 88 4.49 -7.07 -1.93
C LEU A 88 4.98 -8.51 -1.76
N MET A 89 6.28 -8.72 -1.50
CA MET A 89 6.74 -10.09 -1.37
C MET A 89 6.48 -10.57 0.05
N ILE A 90 6.28 -9.62 0.97
CA ILE A 90 5.73 -9.99 2.27
C ILE A 90 4.23 -10.21 2.11
N ILE A 91 3.51 -9.27 1.47
CA ILE A 91 2.06 -9.31 1.42
C ILE A 91 1.59 -10.54 0.64
N TYR A 92 2.29 -10.82 -0.47
CA TYR A 92 2.00 -11.96 -1.32
C TYR A 92 3.16 -12.96 -1.19
N GLY A 93 3.88 -13.26 -2.29
CA GLY A 93 5.01 -14.18 -2.20
C GLY A 93 5.38 -14.88 -3.51
N MET A 94 6.23 -15.90 -3.38
CA MET A 94 7.00 -16.39 -4.50
C MET A 94 6.52 -17.78 -4.92
N SER A 95 5.25 -17.86 -5.32
CA SER A 95 4.75 -19.05 -5.99
C SER A 95 5.08 -18.98 -7.48
N CYS A 102 12.02 -20.43 -18.52
CA CYS A 102 11.47 -19.50 -17.50
C CYS A 102 10.89 -18.27 -18.21
N ARG A 103 10.54 -17.27 -17.40
CA ARG A 103 9.97 -15.99 -17.80
C ARG A 103 10.32 -15.59 -19.25
N GLY A 104 9.27 -15.45 -20.08
CA GLY A 104 9.33 -14.79 -21.38
C GLY A 104 8.01 -14.06 -21.72
N VAL A 105 8.12 -12.97 -22.50
CA VAL A 105 6.99 -12.27 -23.13
C VAL A 105 5.87 -12.00 -22.13
N SER A 106 4.96 -12.97 -21.99
CA SER A 106 3.75 -12.79 -21.20
C SER A 106 4.10 -12.44 -19.76
N ARG A 107 5.38 -12.58 -19.40
CA ARG A 107 5.85 -12.39 -18.03
C ARG A 107 6.53 -11.04 -17.86
N LYS A 108 6.77 -10.38 -18.98
CA LYS A 108 7.57 -9.17 -19.01
C LYS A 108 6.63 -8.03 -19.28
N ILE A 109 5.85 -8.19 -20.35
CA ILE A 109 4.91 -7.18 -20.75
C ILE A 109 3.50 -7.71 -20.60
N MET A 110 2.76 -7.03 -19.73
CA MET A 110 1.42 -7.42 -19.35
C MET A 110 0.54 -6.20 -19.44
N THR A 111 -0.75 -6.46 -19.66
CA THR A 111 -1.75 -5.41 -19.80
C THR A 111 -2.93 -5.79 -18.93
N THR A 112 -3.85 -4.83 -18.71
CA THR A 112 -5.05 -5.08 -17.94
C THR A 112 -5.98 -3.91 -18.13
N GLU A 113 -7.29 -4.21 -18.00
CA GLU A 113 -8.36 -3.26 -18.24
C GLU A 113 -8.46 -2.36 -17.01
N VAL A 114 -8.79 -1.09 -17.26
CA VAL A 114 -8.84 -0.09 -16.22
C VAL A 114 -10.29 0.38 -16.04
N ASP A 115 -10.93 -0.16 -14.98
CA ASP A 115 -12.24 0.26 -14.50
C ASP A 115 -12.12 1.66 -13.88
N LYS A 116 -13.23 2.39 -13.73
CA LYS A 116 -13.17 3.80 -13.35
C LYS A 116 -12.48 3.96 -12.00
N MET A 117 -12.73 3.04 -11.06
CA MET A 117 -11.99 3.00 -9.82
C MET A 117 -10.51 3.26 -10.08
N LEU A 118 -9.87 2.39 -10.84
CA LEU A 118 -8.44 2.45 -10.98
C LEU A 118 -8.00 3.71 -11.69
N LEU A 119 -8.81 4.12 -12.67
CA LEU A 119 -8.52 5.28 -13.49
C LEU A 119 -8.21 6.47 -12.61
N ASN A 120 -8.99 6.59 -11.53
CA ASN A 120 -8.88 7.72 -10.61
C ASN A 120 -7.73 7.49 -9.65
N VAL A 121 -7.46 6.23 -9.29
CA VAL A 121 -6.26 5.91 -8.53
C VAL A 121 -5.06 6.39 -9.33
N LEU A 122 -5.06 6.11 -10.64
CA LEU A 122 -4.00 6.56 -11.51
C LEU A 122 -3.92 8.08 -11.45
N ARG A 123 -5.06 8.76 -11.56
CA ARG A 123 -4.99 10.20 -11.52
C ARG A 123 -4.24 10.62 -10.26
N GLU A 124 -4.53 9.95 -9.14
CA GLU A 124 -3.89 10.31 -7.89
C GLU A 124 -2.40 10.07 -7.96
N MET A 125 -2.02 8.95 -8.57
CA MET A 125 -0.61 8.63 -8.74
C MET A 125 0.11 9.70 -9.58
N MET A 126 -0.60 10.39 -10.47
CA MET A 126 0.04 11.40 -11.30
C MET A 126 0.31 12.66 -10.48
N GLY A 127 -0.62 12.99 -9.58
CA GLY A 127 -0.48 14.13 -8.68
C GLY A 127 0.81 14.06 -7.88
N HIS A 128 1.30 12.83 -7.59
CA HIS A 128 2.24 12.57 -6.49
C HIS A 128 3.69 12.74 -6.87
N HIS A 129 4.04 13.85 -7.53
CA HIS A 129 5.43 14.07 -7.87
C HIS A 129 6.20 14.37 -6.59
N ASN A 130 7.12 13.47 -6.21
CA ASN A 130 8.01 13.61 -5.06
C ASN A 130 7.34 13.21 -3.74
N ASP A 131 6.08 12.76 -3.79
CA ASP A 131 5.43 12.13 -2.65
C ASP A 131 5.41 10.63 -2.86
N ASP A 132 6.55 9.97 -2.59
CA ASP A 132 6.72 8.55 -2.84
C ASP A 132 5.97 7.73 -1.80
N SER A 133 5.77 8.29 -0.61
CA SER A 133 4.98 7.62 0.42
C SER A 133 3.64 7.21 -0.16
N SER A 134 2.92 8.20 -0.67
CA SER A 134 1.54 8.06 -1.09
C SER A 134 1.47 7.33 -2.43
N PHE A 135 2.56 7.41 -3.20
CA PHE A 135 2.64 6.78 -4.48
C PHE A 135 2.84 5.28 -4.33
N ILE A 136 3.83 4.84 -3.56
CA ILE A 136 4.01 3.42 -3.33
C ILE A 136 2.74 2.87 -2.72
N SER A 137 2.12 3.63 -1.80
CA SER A 137 0.85 3.18 -1.22
C SER A 137 -0.12 2.86 -2.37
N ALA A 138 -0.42 3.88 -3.18
CA ALA A 138 -1.49 3.83 -4.17
C ALA A 138 -1.24 2.74 -5.20
N LEU A 139 0.03 2.48 -5.45
CA LEU A 139 0.41 1.42 -6.34
C LEU A 139 0.15 0.03 -5.74
N ILE A 140 0.40 -0.16 -4.45
CA ILE A 140 0.23 -1.47 -3.84
C ILE A 140 -1.23 -1.86 -3.99
N TYR A 141 -2.06 -0.85 -3.76
CA TYR A 141 -3.49 -1.00 -3.86
C TYR A 141 -3.87 -1.29 -5.30
N LEU A 142 -3.38 -0.47 -6.22
CA LEU A 142 -3.65 -0.67 -7.63
C LEU A 142 -3.38 -2.12 -7.98
N ILE A 143 -2.21 -2.61 -7.62
CA ILE A 143 -1.83 -3.96 -7.96
C ILE A 143 -2.76 -4.97 -7.29
N SER A 144 -3.34 -4.62 -6.13
CA SER A 144 -4.21 -5.54 -5.42
C SER A 144 -5.53 -5.71 -6.19
N LYS A 145 -5.77 -4.78 -7.12
CA LYS A 145 -7.01 -4.75 -7.90
C LYS A 145 -6.82 -5.43 -9.24
N ILE A 146 -5.65 -6.01 -9.46
CA ILE A 146 -5.32 -6.51 -10.78
C ILE A 146 -5.38 -8.04 -10.75
N LYS A 147 -6.03 -8.60 -11.78
CA LYS A 147 -5.99 -10.02 -12.02
C LYS A 147 -4.63 -10.38 -12.63
N CYS A 148 -4.11 -11.55 -12.25
CA CYS A 148 -2.78 -12.00 -12.65
C CYS A 148 -1.74 -10.97 -12.20
N ASN A 149 -1.91 -10.50 -10.95
CA ASN A 149 -0.92 -9.68 -10.31
C ASN A 149 0.23 -10.57 -9.85
N ASP A 150 0.01 -11.89 -9.95
CA ASP A 150 1.01 -12.88 -9.60
C ASP A 150 2.28 -12.65 -10.41
N LYS A 151 2.08 -12.34 -11.69
CA LYS A 151 3.19 -12.25 -12.62
C LYS A 151 3.79 -10.85 -12.56
N ILE A 152 2.97 -9.87 -12.17
CA ILE A 152 3.49 -8.53 -11.96
C ILE A 152 4.51 -8.56 -10.84
N ILE A 153 4.18 -9.25 -9.77
CA ILE A 153 5.06 -9.28 -8.61
C ILE A 153 6.31 -10.09 -8.92
N GLU A 154 6.19 -11.16 -9.70
CA GLU A 154 7.37 -11.86 -10.18
C GLU A 154 8.20 -10.85 -10.98
N SER A 155 7.51 -10.07 -11.81
CA SER A 155 8.17 -9.19 -12.76
C SER A 155 8.93 -8.11 -11.99
N LEU A 156 8.41 -7.79 -10.80
CA LEU A 156 9.04 -6.78 -9.98
C LEU A 156 10.25 -7.38 -9.28
N TYR A 157 10.16 -8.65 -8.94
CA TYR A 157 11.29 -9.34 -8.36
C TYR A 157 12.43 -9.33 -9.37
N MET A 158 12.10 -9.73 -10.60
CA MET A 158 13.09 -9.84 -11.65
C MET A 158 13.73 -8.49 -11.94
N SER A 159 12.93 -7.43 -11.74
CA SER A 159 13.34 -6.08 -12.06
C SER A 159 14.17 -5.47 -10.92
N SER A 160 14.20 -6.15 -9.78
CA SER A 160 14.96 -5.63 -8.67
C SER A 160 16.40 -6.11 -8.75
N ILE A 161 16.64 -7.24 -9.43
CA ILE A 161 17.97 -7.82 -9.46
C ILE A 161 18.92 -6.78 -10.01
N THR A 162 20.01 -6.49 -9.28
CA THR A 162 20.99 -5.53 -9.77
C THR A 162 22.10 -6.26 -10.51
N PHE A 163 22.37 -5.77 -11.73
CA PHE A 163 23.45 -6.29 -12.53
C PHE A 163 24.61 -5.32 -12.40
N PHE A 164 25.80 -5.76 -12.84
CA PHE A 164 26.95 -4.89 -12.90
C PHE A 164 26.71 -3.76 -13.88
N THR A 165 26.12 -4.07 -15.05
CA THR A 165 25.67 -3.07 -16.01
C THR A 165 24.98 -1.92 -15.29
N ASP A 166 24.12 -2.24 -14.33
CA ASP A 166 23.41 -1.18 -13.66
C ASP A 166 24.38 -0.38 -12.81
N LYS A 167 25.35 -1.09 -12.21
CA LYS A 167 26.32 -0.42 -11.38
C LYS A 167 26.99 0.63 -12.25
N VAL A 168 27.45 0.20 -13.42
CA VAL A 168 28.11 1.06 -14.38
C VAL A 168 27.18 2.21 -14.71
N ARG A 169 25.98 1.88 -15.12
CA ARG A 169 25.08 2.88 -15.66
C ARG A 169 24.90 3.96 -14.60
N GLY A 170 24.80 3.52 -13.34
CA GLY A 170 24.38 4.42 -12.27
C GLY A 170 25.44 5.47 -11.99
N VAL A 171 26.67 5.12 -12.34
CA VAL A 171 27.85 5.94 -12.18
C VAL A 171 27.88 6.95 -13.31
N ILE A 172 27.90 6.42 -14.53
CA ILE A 172 27.84 7.17 -15.77
C ILE A 172 26.81 8.27 -15.65
N GLU A 173 25.65 7.90 -15.09
CA GLU A 173 24.47 8.73 -15.21
C GLU A 173 24.50 9.84 -14.18
N LYS A 174 25.51 9.83 -13.32
CA LYS A 174 25.71 10.92 -12.39
C LYS A 174 26.08 12.20 -13.15
N ASP A 175 26.81 12.02 -14.26
CA ASP A 175 26.99 13.11 -15.19
C ASP A 175 27.23 12.57 -16.59
N LEU A 176 26.20 12.65 -17.43
CA LEU A 176 26.30 12.08 -18.76
C LEU A 176 27.16 12.95 -19.66
N SER A 177 27.23 14.25 -19.33
CA SER A 177 27.98 15.20 -20.11
C SER A 177 29.48 15.01 -19.90
N ARG A 178 29.88 14.26 -18.86
CA ARG A 178 31.29 13.98 -18.65
C ARG A 178 31.79 13.20 -19.85
N LYS A 179 33.06 13.37 -20.19
CA LYS A 179 33.59 12.70 -21.38
C LYS A 179 34.12 11.32 -20.99
N TRP A 180 33.16 10.37 -20.83
CA TRP A 180 33.39 9.01 -20.36
C TRP A 180 34.16 8.14 -21.37
N THR A 181 35.11 7.36 -20.85
CA THR A 181 35.88 6.40 -21.62
C THR A 181 35.93 5.14 -20.79
N LEU A 182 36.03 3.99 -21.45
CA LEU A 182 36.25 2.75 -20.73
C LEU A 182 37.36 2.94 -19.69
N ALA A 183 38.40 3.66 -20.10
CA ALA A 183 39.60 3.81 -19.30
C ALA A 183 39.26 4.44 -17.96
N ILE A 184 38.36 5.41 -18.02
CA ILE A 184 37.88 6.13 -16.84
C ILE A 184 37.08 5.20 -15.93
N ILE A 185 36.21 4.39 -16.54
CA ILE A 185 35.28 3.58 -15.77
C ILE A 185 36.06 2.48 -15.11
N ALA A 186 36.89 1.82 -15.91
CA ALA A 186 37.81 0.89 -15.32
C ALA A 186 38.34 1.47 -13.99
N ASP A 187 38.83 2.70 -14.06
CA ASP A 187 39.47 3.33 -12.92
C ASP A 187 38.45 3.55 -11.81
N VAL A 188 37.21 3.87 -12.16
CA VAL A 188 36.17 4.06 -11.15
C VAL A 188 35.91 2.79 -10.34
N PHE A 189 36.12 1.63 -10.96
CA PHE A 189 35.90 0.38 -10.25
C PHE A 189 37.21 -0.14 -9.69
N ASN A 190 38.32 0.52 -9.99
CA ASN A 190 39.62 0.00 -9.61
C ASN A 190 39.78 -1.39 -10.21
N VAL A 191 39.53 -1.50 -11.51
CA VAL A 191 39.67 -2.78 -12.18
C VAL A 191 40.21 -2.53 -13.58
N SER A 192 40.83 -3.56 -14.15
CA SER A 192 41.57 -3.39 -15.39
C SER A 192 40.58 -3.11 -16.50
N GLU A 193 41.02 -2.40 -17.55
CA GLU A 193 40.11 -1.97 -18.60
C GLU A 193 39.42 -3.21 -19.16
N ILE A 194 40.22 -4.26 -19.37
CA ILE A 194 39.83 -5.60 -19.81
C ILE A 194 38.61 -6.09 -19.04
N THR A 195 38.75 -6.10 -17.72
CA THR A 195 37.73 -6.64 -16.85
C THR A 195 36.40 -5.98 -17.15
N ILE A 196 36.39 -4.68 -17.32
CA ILE A 196 35.11 -4.02 -17.49
C ILE A 196 34.42 -4.58 -18.72
N ARG A 197 35.08 -4.46 -19.87
CA ARG A 197 34.58 -4.99 -21.12
C ARG A 197 34.08 -6.43 -20.97
N LYS A 198 34.78 -7.29 -20.19
CA LYS A 198 34.36 -8.68 -20.01
C LYS A 198 33.10 -8.77 -19.16
N ARG A 199 33.08 -8.05 -18.06
CA ARG A 199 31.94 -8.11 -17.16
C ARG A 199 30.69 -7.70 -17.91
N LEU A 200 30.87 -6.81 -18.88
CA LEU A 200 29.76 -6.28 -19.64
C LEU A 200 29.34 -7.32 -20.68
N GLU A 201 30.35 -7.91 -21.31
CA GLU A 201 30.10 -8.93 -22.31
C GLU A 201 29.36 -10.08 -21.66
N SER A 202 29.63 -10.35 -20.37
CA SER A 202 28.97 -11.44 -19.68
C SER A 202 27.50 -11.10 -19.55
N GLU A 203 27.24 -9.79 -19.47
CA GLU A 203 25.89 -9.27 -19.42
C GLU A 203 25.56 -8.66 -20.79
N ASP A 204 26.17 -9.25 -21.82
CA ASP A 204 25.83 -9.09 -23.23
C ASP A 204 25.68 -7.63 -23.60
N THR A 205 26.62 -6.80 -23.18
CA THR A 205 26.62 -5.44 -23.67
C THR A 205 28.06 -4.92 -23.70
N ASN A 206 28.17 -3.65 -24.07
CA ASN A 206 29.44 -3.02 -24.11
C ASN A 206 29.26 -1.60 -23.60
N PHE A 207 30.37 -0.99 -23.29
CA PHE A 207 30.32 0.22 -22.51
C PHE A 207 29.63 1.28 -23.36
N ASN A 208 30.18 1.47 -24.57
CA ASN A 208 29.85 2.59 -25.44
C ASN A 208 28.36 2.52 -25.82
N GLN A 209 27.83 1.29 -25.81
CA GLN A 209 26.41 1.05 -25.98
C GLN A 209 25.67 1.63 -24.80
N ILE A 210 26.08 1.19 -23.61
CA ILE A 210 25.39 1.61 -22.40
C ILE A 210 25.33 3.13 -22.37
N LEU A 211 26.44 3.73 -22.81
CA LEU A 211 26.58 5.18 -22.87
C LEU A 211 25.61 5.81 -23.87
N MET A 212 25.55 5.24 -25.08
CA MET A 212 24.58 5.66 -26.08
C MET A 212 23.19 5.68 -25.48
N GLN A 213 22.83 4.54 -24.89
CA GLN A 213 21.50 4.33 -24.35
C GLN A 213 21.23 5.43 -23.34
N SER A 214 22.13 5.51 -22.37
CA SER A 214 21.83 6.37 -21.24
C SER A 214 21.71 7.79 -21.74
N ARG A 215 22.53 8.15 -22.72
CA ARG A 215 22.47 9.50 -23.21
C ARG A 215 21.13 9.71 -23.90
N MET A 216 20.75 8.77 -24.78
CA MET A 216 19.62 9.02 -25.66
C MET A 216 18.35 9.01 -24.82
N SER A 217 18.36 8.22 -23.73
CA SER A 217 17.25 8.21 -22.79
C SER A 217 17.07 9.60 -22.21
N LYS A 218 18.19 10.12 -21.68
CA LYS A 218 18.19 11.40 -21.02
C LYS A 218 17.76 12.46 -22.01
N ALA A 219 18.39 12.43 -23.19
CA ALA A 219 18.08 13.40 -24.23
C ALA A 219 16.57 13.48 -24.40
N ALA A 220 15.98 12.30 -24.63
CA ALA A 220 14.55 12.19 -24.85
C ALA A 220 13.74 12.77 -23.68
N LEU A 221 14.15 12.50 -22.44
CA LEU A 221 13.36 12.93 -21.28
C LEU A 221 13.43 14.45 -21.11
N LEU A 222 14.50 15.06 -21.61
CA LEU A 222 14.71 16.50 -21.53
C LEU A 222 13.78 17.27 -22.45
N LEU A 223 13.71 16.79 -23.70
CA LEU A 223 12.78 17.27 -24.70
C LEU A 223 11.41 17.43 -24.06
N LEU A 224 10.90 16.34 -23.50
CA LEU A 224 9.59 16.30 -22.87
C LEU A 224 9.66 17.01 -21.52
N GLU A 225 9.54 18.34 -21.51
CA GLU A 225 9.69 19.13 -20.29
C GLU A 225 9.25 20.57 -20.55
N ASN A 226 9.70 21.50 -19.70
CA ASN A 226 9.79 22.89 -20.13
C ASN A 226 10.22 22.88 -21.60
N SER A 227 11.28 22.08 -21.85
CA SER A 227 11.98 21.99 -23.12
C SER A 227 13.25 22.85 -23.03
N TYR A 228 14.27 22.44 -23.78
CA TYR A 228 15.49 23.23 -24.02
C TYR A 228 15.79 23.13 -25.51
N GLN A 229 16.70 23.95 -25.99
CA GLN A 229 17.14 23.82 -27.38
C GLN A 229 18.08 22.63 -27.51
N ILE A 230 18.32 22.26 -28.77
CA ILE A 230 19.07 21.08 -29.14
C ILE A 230 20.53 21.23 -28.72
N SER A 231 21.16 22.37 -29.02
CA SER A 231 22.51 22.58 -28.53
C SER A 231 22.54 22.28 -27.03
N GLN A 232 21.68 22.96 -26.26
CA GLN A 232 21.61 22.81 -24.82
C GLN A 232 21.62 21.33 -24.46
N ILE A 233 20.59 20.62 -24.90
CA ILE A 233 20.41 19.21 -24.64
C ILE A 233 21.61 18.42 -25.15
N SER A 234 22.04 18.71 -26.37
CA SER A 234 23.20 18.04 -26.94
C SER A 234 24.39 18.17 -26.00
N ASN A 235 24.56 19.39 -25.48
CA ASN A 235 25.61 19.67 -24.52
C ASN A 235 25.33 18.89 -23.26
N MET A 236 24.07 18.91 -22.78
CA MET A 236 23.72 18.28 -21.52
C MET A 236 24.09 16.80 -21.52
N ILE A 237 24.19 16.18 -22.69
CA ILE A 237 24.46 14.76 -22.73
C ILE A 237 25.84 14.52 -23.33
N GLY A 238 26.64 15.57 -23.33
CA GLY A 238 28.03 15.45 -23.75
C GLY A 238 28.18 15.26 -25.26
N ILE A 239 27.29 15.86 -26.06
CA ILE A 239 27.47 15.85 -27.50
C ILE A 239 27.78 17.24 -28.01
N SER A 240 28.75 17.25 -28.94
CA SER A 240 29.42 18.44 -29.42
C SER A 240 28.48 19.28 -30.25
N SER A 241 28.01 18.66 -31.33
CA SER A 241 27.34 19.35 -32.40
C SER A 241 25.85 19.02 -32.31
N ALA A 242 25.00 20.06 -32.26
CA ALA A 242 23.56 19.91 -32.27
C ALA A 242 23.11 19.22 -33.55
N SER A 243 23.71 19.59 -34.69
CA SER A 243 23.48 18.97 -35.99
C SER A 243 23.75 17.48 -35.93
N TYR A 244 24.90 17.17 -35.31
CA TYR A 244 25.37 15.81 -35.18
C TYR A 244 24.46 15.01 -34.25
N PHE A 245 24.10 15.61 -33.12
CA PHE A 245 23.23 14.94 -32.17
C PHE A 245 22.00 14.41 -32.88
N ILE A 246 21.34 15.28 -33.63
CA ILE A 246 20.08 14.96 -34.28
C ILE A 246 20.27 13.71 -35.14
N ARG A 247 21.46 13.59 -35.73
CA ARG A 247 21.79 12.46 -36.54
C ARG A 247 21.74 11.16 -35.73
N ILE A 248 22.37 11.16 -34.55
CA ILE A 248 22.59 9.91 -33.83
C ILE A 248 21.29 9.52 -33.16
N PHE A 249 20.64 10.54 -32.61
CA PHE A 249 19.30 10.42 -32.07
C PHE A 249 18.38 9.75 -33.08
N ASN A 250 18.35 10.30 -34.30
CA ASN A 250 17.47 9.83 -35.34
C ASN A 250 17.78 8.39 -35.69
N LYS A 251 19.07 8.06 -35.79
CA LYS A 251 19.50 6.71 -36.14
C LYS A 251 19.07 5.76 -35.01
N HIS A 252 19.05 6.28 -33.78
CA HIS A 252 18.79 5.47 -32.61
C HIS A 252 17.30 5.18 -32.48
N PHE A 253 16.47 6.22 -32.54
CA PHE A 253 15.04 6.05 -32.32
C PHE A 253 14.30 5.90 -33.64
N GLY A 254 15.02 6.01 -34.76
CA GLY A 254 14.39 6.10 -36.07
C GLY A 254 13.57 7.38 -36.23
N VAL A 255 13.79 8.38 -35.37
CA VAL A 255 13.19 9.69 -35.53
C VAL A 255 14.16 10.78 -35.04
N THR A 256 13.97 12.02 -35.51
CA THR A 256 14.80 13.13 -35.08
C THR A 256 14.24 13.70 -33.77
N PRO A 257 15.04 14.46 -33.01
CA PRO A 257 14.56 15.03 -31.76
C PRO A 257 13.30 15.86 -31.96
N LYS A 258 13.19 16.51 -33.12
CA LYS A 258 12.10 17.42 -33.43
C LYS A 258 10.79 16.66 -33.65
N GLN A 259 10.84 15.64 -34.52
CA GLN A 259 9.69 14.80 -34.77
C GLN A 259 9.14 14.33 -33.43
N PHE A 260 10.05 13.83 -32.58
CA PHE A 260 9.76 13.20 -31.31
C PHE A 260 9.08 14.16 -30.33
N PHE A 261 9.69 15.31 -30.13
CA PHE A 261 9.11 16.28 -29.22
C PHE A 261 7.70 16.55 -29.71
N ASN A 262 7.56 16.73 -31.04
CA ASN A 262 6.31 17.17 -31.63
C ASN A 262 5.21 16.16 -31.35
N TYR A 263 5.58 14.87 -31.40
CA TYR A 263 4.62 13.81 -31.17
C TYR A 263 4.17 13.84 -29.71
N PHE A 264 5.10 14.08 -28.78
CA PHE A 264 4.86 13.87 -27.36
C PHE A 264 4.62 15.17 -26.61
N LYS A 265 5.33 16.23 -26.99
CA LYS A 265 5.03 17.57 -26.49
C LYS A 265 4.57 18.42 -27.68
N GLU B 10 -32.95 4.71 18.32
CA GLU B 10 -32.54 5.95 17.60
C GLU B 10 -31.24 6.50 18.18
N LEU B 11 -31.29 6.89 19.46
CA LEU B 11 -30.12 7.29 20.25
C LEU B 11 -29.87 6.26 21.35
N ILE B 12 -28.59 6.04 21.68
CA ILE B 12 -28.17 5.16 22.76
C ILE B 12 -26.87 5.72 23.34
N LYS B 13 -26.59 5.46 24.63
CA LYS B 13 -25.32 5.84 25.24
C LYS B 13 -24.67 4.61 25.85
N ILE B 14 -23.40 4.36 25.50
CA ILE B 14 -22.70 3.10 25.75
C ILE B 14 -21.35 3.41 26.40
N ASN B 15 -21.07 2.77 27.54
CA ASN B 15 -19.94 3.14 28.40
C ASN B 15 -18.90 2.03 28.49
N ASN B 16 -17.72 2.41 29.01
CA ASN B 16 -16.65 1.48 29.34
C ASN B 16 -16.40 0.51 28.19
N VAL B 17 -16.14 1.05 26.98
CA VAL B 17 -15.87 0.19 25.84
C VAL B 17 -14.36 0.11 25.61
N MET B 18 -13.79 -1.09 25.80
CA MET B 18 -12.37 -1.36 25.70
C MET B 18 -12.04 -2.02 24.36
N ILE B 19 -10.95 -1.56 23.72
CA ILE B 19 -10.56 -1.95 22.37
C ILE B 19 -9.35 -2.89 22.43
N HIS B 20 -9.55 -4.17 22.07
CA HIS B 20 -8.46 -5.14 22.08
C HIS B 20 -7.58 -5.06 20.84
N LYS B 21 -8.17 -4.67 19.69
CA LYS B 21 -7.51 -4.67 18.39
C LYS B 21 -7.94 -3.43 17.58
N TYR B 22 -6.94 -2.76 17.00
CA TYR B 22 -7.08 -1.42 16.43
C TYR B 22 -8.39 -1.32 15.67
N THR B 23 -9.10 -0.18 15.82
CA THR B 23 -10.44 -0.06 15.24
C THR B 23 -10.58 1.26 14.49
N ILE B 24 -11.27 1.17 13.34
CA ILE B 24 -11.63 2.32 12.51
C ILE B 24 -13.17 2.31 12.37
N LEU B 25 -13.76 3.50 12.26
CA LEU B 25 -15.18 3.64 12.00
C LEU B 25 -15.37 4.42 10.73
N TYR B 26 -16.43 4.07 9.99
CA TYR B 26 -17.11 4.99 9.08
C TYR B 26 -18.52 5.29 9.61
N THR B 27 -18.78 6.54 10.03
CA THR B 27 -20.08 6.90 10.56
C THR B 27 -21.06 7.15 9.40
N SER B 28 -21.47 6.04 8.77
CA SER B 28 -22.30 6.01 7.58
C SER B 28 -23.66 6.64 7.84
N ASN B 29 -24.27 6.18 8.94
CA ASN B 29 -25.67 6.34 9.21
C ASN B 29 -25.85 6.82 10.64
N CYS B 30 -24.85 7.53 11.18
CA CYS B 30 -24.91 7.98 12.56
C CYS B 30 -24.02 9.19 12.81
N ILE B 31 -24.47 10.02 13.73
CA ILE B 31 -23.63 11.02 14.33
C ILE B 31 -23.18 10.45 15.67
N LEU B 32 -21.88 10.50 15.92
CA LEU B 32 -21.26 9.73 17.01
C LEU B 32 -20.47 10.68 17.90
N ASP B 33 -20.86 10.74 19.19
CA ASP B 33 -20.24 11.61 20.18
C ASP B 33 -19.45 10.76 21.17
N ILE B 34 -18.12 10.90 21.15
CA ILE B 34 -17.22 10.00 21.85
C ILE B 34 -16.69 10.71 23.08
N SER B 35 -16.86 10.09 24.26
CA SER B 35 -16.26 10.58 25.49
C SER B 35 -14.96 9.80 25.75
N PHE B 36 -13.82 10.45 25.48
CA PHE B 36 -12.50 9.88 25.76
C PHE B 36 -11.83 10.73 26.82
N GLY B 37 -11.63 10.14 28.01
CA GLY B 37 -11.44 10.91 29.23
C GLY B 37 -12.74 11.64 29.60
N GLU B 38 -12.60 12.91 30.02
CA GLU B 38 -13.71 13.86 29.99
C GLU B 38 -13.39 14.98 29.00
N ASP B 39 -12.82 14.58 27.86
CA ASP B 39 -13.10 15.21 26.57
C ASP B 39 -14.22 14.45 25.87
N LYS B 40 -15.05 15.18 25.12
CA LYS B 40 -16.11 14.59 24.31
C LYS B 40 -15.91 15.04 22.85
N ILE B 41 -15.86 14.07 21.95
CA ILE B 41 -15.46 14.27 20.55
C ILE B 41 -16.64 13.90 19.67
N THR B 42 -16.88 14.68 18.60
CA THR B 42 -18.04 14.45 17.74
C THR B 42 -17.57 14.14 16.32
N CYS B 43 -18.10 13.07 15.73
CA CYS B 43 -18.00 12.82 14.30
C CYS B 43 -19.38 12.97 13.68
N PHE B 44 -19.53 13.94 12.78
CA PHE B 44 -20.81 14.09 12.10
C PHE B 44 -20.97 12.90 11.17
N ASN B 45 -22.12 12.88 10.47
CA ASN B 45 -22.41 11.90 9.45
C ASN B 45 -21.27 11.90 8.43
N ASN B 46 -20.94 10.70 7.96
CA ASN B 46 -20.04 10.50 6.83
C ASN B 46 -18.60 10.84 7.25
N ARG B 47 -18.07 10.08 8.22
CA ARG B 47 -16.78 10.41 8.79
C ARG B 47 -15.98 9.15 9.12
N LEU B 48 -14.65 9.27 9.06
CA LEU B 48 -13.72 8.22 9.46
C LEU B 48 -13.20 8.47 10.87
N VAL B 49 -13.01 7.40 11.66
CA VAL B 49 -12.65 7.52 13.07
C VAL B 49 -11.63 6.44 13.46
N PHE B 50 -10.51 6.86 14.09
CA PHE B 50 -9.33 6.00 14.24
C PHE B 50 -8.94 5.79 15.70
N LEU B 51 -9.00 4.54 16.13
CA LEU B 51 -9.17 4.21 17.53
C LEU B 51 -8.05 3.28 17.99
N GLU B 52 -7.14 3.84 18.82
CA GLU B 52 -5.99 3.13 19.32
C GLU B 52 -6.49 1.88 20.04
N ARG B 53 -5.83 0.75 19.76
CA ARG B 53 -6.01 -0.47 20.51
C ARG B 53 -5.67 -0.20 21.98
N GLY B 54 -6.53 -0.67 22.90
CA GLY B 54 -6.29 -0.62 24.33
C GLY B 54 -7.05 0.50 25.03
N VAL B 55 -7.89 1.25 24.29
CA VAL B 55 -8.52 2.49 24.80
C VAL B 55 -9.82 2.15 25.52
N ASN B 56 -10.22 3.03 26.47
CA ASN B 56 -11.50 2.91 27.12
C ASN B 56 -12.27 4.23 27.00
N ILE B 57 -13.47 4.12 26.40
CA ILE B 57 -14.28 5.26 25.99
C ILE B 57 -15.75 4.97 26.24
N SER B 58 -16.53 6.06 26.23
CA SER B 58 -17.98 6.03 26.12
C SER B 58 -18.36 6.60 24.76
N VAL B 59 -19.48 6.13 24.21
CA VAL B 59 -20.01 6.68 22.96
C VAL B 59 -21.50 6.98 23.15
N ARG B 60 -21.97 8.00 22.45
CA ARG B 60 -23.39 8.24 22.29
C ARG B 60 -23.69 8.16 20.79
N ILE B 61 -24.53 7.19 20.38
CA ILE B 61 -24.74 6.92 18.97
C ILE B 61 -26.16 7.36 18.58
N GLN B 62 -26.25 8.21 17.55
CA GLN B 62 -27.53 8.66 16.99
C GLN B 62 -27.65 8.18 15.53
N LYS B 63 -28.58 7.24 15.27
CA LYS B 63 -28.91 6.80 13.92
C LYS B 63 -29.67 7.91 13.19
N GLN B 64 -29.52 7.96 11.86
CA GLN B 64 -30.30 8.83 10.99
C GLN B 64 -31.46 8.04 10.40
N LYS B 65 -31.13 6.85 9.85
CA LYS B 65 -32.12 5.90 9.36
C LYS B 65 -32.11 4.68 10.28
N LEU B 66 -33.30 4.26 10.70
CA LEU B 66 -33.42 3.28 11.76
C LEU B 66 -33.20 1.87 11.21
N THR B 67 -33.31 1.70 9.88
CA THR B 67 -33.19 0.39 9.23
C THR B 67 -31.74 0.09 8.84
N GLU B 68 -30.80 0.93 9.28
CA GLU B 68 -29.39 0.64 9.09
C GLU B 68 -28.67 0.56 10.43
N LYS B 69 -27.59 -0.21 10.42
CA LYS B 69 -26.59 -0.18 11.47
C LYS B 69 -25.94 1.19 11.49
N PRO B 70 -25.69 1.75 12.70
CA PRO B 70 -25.26 3.15 12.83
C PRO B 70 -24.00 3.47 12.03
N TYR B 71 -23.11 2.48 11.89
CA TYR B 71 -21.79 2.74 11.35
C TYR B 71 -21.27 1.45 10.75
N VAL B 72 -20.02 1.56 10.28
CA VAL B 72 -19.19 0.44 9.84
C VAL B 72 -17.93 0.44 10.71
N ALA B 73 -17.61 -0.70 11.32
CA ALA B 73 -16.42 -0.80 12.15
C ALA B 73 -15.48 -1.85 11.58
N PHE B 74 -14.17 -1.54 11.58
CA PHE B 74 -13.14 -2.47 11.15
C PHE B 74 -12.22 -2.73 12.35
N ARG B 75 -12.15 -4.00 12.76
CA ARG B 75 -11.28 -4.42 13.85
C ARG B 75 -10.22 -5.34 13.26
N LEU B 76 -8.95 -5.07 13.60
CA LEU B 76 -7.82 -5.67 12.90
C LEU B 76 -7.28 -6.85 13.71
N ASN B 77 -6.95 -7.96 13.05
CA ASN B 77 -6.48 -9.15 13.73
C ASN B 77 -4.95 -9.20 13.64
N GLU B 78 -4.40 -10.40 13.87
CA GLU B 78 -3.02 -10.58 14.29
C GLU B 78 -2.09 -10.41 13.08
N ASN B 79 -2.23 -11.32 12.11
CA ASN B 79 -1.51 -11.25 10.85
C ASN B 79 -1.46 -9.83 10.33
N VAL B 80 -2.64 -9.20 10.29
CA VAL B 80 -2.88 -7.98 9.55
C VAL B 80 -1.99 -6.84 10.07
N LEU B 81 -2.01 -6.61 11.39
CA LEU B 81 -1.28 -5.49 11.95
C LEU B 81 0.19 -5.85 12.05
N ARG B 82 0.53 -7.15 12.08
CA ARG B 82 1.92 -7.59 12.03
C ARG B 82 2.52 -7.22 10.67
N HIS B 83 1.72 -7.43 9.63
CA HIS B 83 2.14 -7.12 8.29
C HIS B 83 2.25 -5.61 8.12
N LEU B 84 1.26 -4.85 8.61
CA LEU B 84 1.25 -3.40 8.45
C LEU B 84 2.58 -2.81 8.90
N LYS B 85 3.11 -3.34 10.01
CA LYS B 85 4.27 -2.81 10.70
C LYS B 85 5.51 -2.90 9.80
N ASN B 86 5.88 -4.12 9.40
CA ASN B 86 7.04 -4.28 8.52
C ASN B 86 6.85 -3.37 7.32
N THR B 87 5.63 -3.41 6.77
CA THR B 87 5.30 -2.81 5.51
C THR B 87 5.25 -1.29 5.58
N LEU B 88 4.46 -0.70 6.47
CA LEU B 88 4.39 0.74 6.54
C LEU B 88 5.70 1.34 7.04
N MET B 89 6.48 0.55 7.79
CA MET B 89 7.82 0.94 8.15
C MET B 89 8.62 1.15 6.88
N ILE B 90 8.40 0.26 5.92
CA ILE B 90 9.08 0.35 4.65
C ILE B 90 8.68 1.64 3.95
N ILE B 91 7.38 1.90 3.88
CA ILE B 91 6.83 2.85 2.93
C ILE B 91 6.97 4.27 3.45
N TYR B 92 7.05 4.42 4.78
CA TYR B 92 7.28 5.71 5.41
C TYR B 92 8.75 5.77 5.82
N GLY B 93 9.22 4.72 6.52
CA GLY B 93 10.56 4.69 7.07
C GLY B 93 10.56 5.11 8.54
N MET B 94 11.67 5.69 8.99
CA MET B 94 11.71 6.37 10.28
C MET B 94 11.77 7.89 10.06
N ARG B 107 -3.48 11.89 20.40
CA ARG B 107 -3.01 11.12 19.21
C ARG B 107 -3.42 9.65 19.34
N LYS B 108 -4.60 9.39 19.91
CA LYS B 108 -5.09 8.04 20.20
C LYS B 108 -6.42 7.80 19.48
N ILE B 109 -7.35 8.76 19.64
CA ILE B 109 -8.57 8.82 18.85
C ILE B 109 -8.41 9.94 17.81
N MET B 110 -8.67 9.63 16.54
CA MET B 110 -8.63 10.64 15.49
C MET B 110 -9.86 10.49 14.61
N THR B 111 -10.29 11.60 13.99
CA THR B 111 -11.42 11.61 13.06
C THR B 111 -11.08 12.44 11.82
N THR B 112 -11.77 12.16 10.70
CA THR B 112 -11.47 12.84 9.44
C THR B 112 -12.64 12.71 8.48
N GLU B 113 -12.62 13.51 7.41
CA GLU B 113 -13.69 13.61 6.42
C GLU B 113 -13.43 12.62 5.29
N VAL B 114 -14.52 12.19 4.63
CA VAL B 114 -14.49 11.15 3.60
C VAL B 114 -14.96 11.75 2.28
N ASP B 115 -14.11 11.64 1.23
CA ASP B 115 -14.49 11.97 -0.13
C ASP B 115 -14.95 10.70 -0.86
N LYS B 116 -15.40 10.87 -2.11
CA LYS B 116 -15.96 9.79 -2.92
C LYS B 116 -14.94 8.66 -3.02
N MET B 117 -13.65 9.02 -3.17
CA MET B 117 -12.56 8.07 -3.30
C MET B 117 -12.50 7.16 -2.06
N LEU B 118 -12.39 7.77 -0.86
CA LEU B 118 -12.31 6.99 0.36
C LEU B 118 -13.54 6.11 0.47
N LEU B 119 -14.71 6.75 0.36
CA LEU B 119 -16.00 6.10 0.43
C LEU B 119 -16.06 4.79 -0.37
N ASN B 120 -15.53 4.79 -1.61
CA ASN B 120 -15.52 3.57 -2.42
C ASN B 120 -14.54 2.54 -1.85
N VAL B 121 -13.36 3.01 -1.40
CA VAL B 121 -12.34 2.08 -0.94
C VAL B 121 -12.89 1.34 0.27
N LEU B 122 -13.64 2.07 1.10
CA LEU B 122 -14.32 1.51 2.26
C LEU B 122 -15.16 0.33 1.83
N ARG B 123 -15.98 0.59 0.82
CA ARG B 123 -16.83 -0.41 0.23
C ARG B 123 -16.01 -1.66 -0.09
N GLU B 124 -14.85 -1.48 -0.72
CA GLU B 124 -14.04 -2.60 -1.18
C GLU B 124 -13.36 -3.29 0.00
N MET B 125 -13.06 -2.49 1.01
CA MET B 125 -12.51 -3.06 2.22
C MET B 125 -13.54 -4.02 2.80
N MET B 126 -14.81 -3.62 2.75
CA MET B 126 -15.89 -4.43 3.31
C MET B 126 -16.02 -5.76 2.55
N GLY B 127 -15.65 -5.76 1.26
CA GLY B 127 -15.87 -6.91 0.39
C GLY B 127 -14.69 -7.87 0.38
N HIS B 128 -13.58 -7.52 1.03
CA HIS B 128 -12.46 -8.44 1.18
C HIS B 128 -12.72 -9.38 2.35
N HIS B 129 -13.84 -10.09 2.30
CA HIS B 129 -14.15 -11.09 3.33
C HIS B 129 -13.02 -12.11 3.29
N ASN B 130 -12.09 -12.04 4.26
CA ASN B 130 -11.09 -13.07 4.48
C ASN B 130 -9.99 -13.02 3.41
N ASP B 131 -9.82 -11.87 2.75
CA ASP B 131 -8.71 -11.67 1.83
C ASP B 131 -7.63 -10.82 2.50
N ASP B 132 -6.61 -11.51 3.03
CA ASP B 132 -5.56 -10.82 3.77
C ASP B 132 -4.87 -9.85 2.82
N SER B 133 -4.38 -10.41 1.72
CA SER B 133 -3.47 -9.71 0.85
C SER B 133 -4.10 -8.39 0.43
N SER B 134 -5.33 -8.47 -0.09
CA SER B 134 -5.98 -7.35 -0.76
C SER B 134 -6.50 -6.33 0.22
N PHE B 135 -6.90 -6.77 1.43
CA PHE B 135 -7.30 -5.84 2.46
C PHE B 135 -6.06 -5.14 3.00
N ILE B 136 -5.02 -5.90 3.31
CA ILE B 136 -3.83 -5.24 3.81
C ILE B 136 -3.61 -4.04 2.90
N SER B 137 -3.68 -4.32 1.59
CA SER B 137 -3.29 -3.42 0.52
C SER B 137 -4.21 -2.21 0.43
N ALA B 138 -5.52 -2.48 0.36
CA ALA B 138 -6.52 -1.42 0.36
C ALA B 138 -6.28 -0.46 1.53
N LEU B 139 -5.77 -1.04 2.61
CA LEU B 139 -5.65 -0.35 3.87
C LEU B 139 -4.52 0.64 3.82
N ILE B 140 -3.38 0.13 3.35
CA ILE B 140 -2.14 0.88 3.29
C ILE B 140 -2.36 2.15 2.48
N TYR B 141 -3.03 1.97 1.35
CA TYR B 141 -3.39 3.08 0.50
C TYR B 141 -4.30 4.08 1.22
N LEU B 142 -5.40 3.60 1.81
CA LEU B 142 -6.31 4.49 2.53
C LEU B 142 -5.53 5.32 3.55
N ILE B 143 -4.69 4.67 4.34
CA ILE B 143 -3.93 5.38 5.34
C ILE B 143 -3.25 6.58 4.69
N SER B 144 -2.66 6.33 3.52
CA SER B 144 -1.73 7.27 2.92
C SER B 144 -2.48 8.50 2.40
N LYS B 145 -3.80 8.45 2.40
CA LYS B 145 -4.61 9.49 1.77
C LYS B 145 -5.20 10.47 2.79
N ILE B 146 -4.83 10.28 4.07
CA ILE B 146 -5.37 11.06 5.19
C ILE B 146 -4.29 11.99 5.73
N LYS B 147 -4.64 13.27 5.98
CA LYS B 147 -3.67 14.26 6.43
C LYS B 147 -3.30 13.92 7.88
N CYS B 148 -2.07 14.30 8.29
CA CYS B 148 -1.58 13.96 9.62
C CYS B 148 -1.73 12.45 9.87
N ASN B 149 -1.58 11.63 8.81
CA ASN B 149 -1.58 10.20 8.99
C ASN B 149 -0.38 9.77 9.84
N ASP B 150 0.65 10.63 9.90
CA ASP B 150 1.79 10.40 10.79
C ASP B 150 1.28 9.87 12.12
N LYS B 151 0.26 10.56 12.64
CA LYS B 151 -0.32 10.30 13.94
C LYS B 151 -1.04 8.95 13.93
N ILE B 152 -1.68 8.66 12.79
CA ILE B 152 -2.41 7.41 12.62
C ILE B 152 -1.42 6.26 12.51
N ILE B 153 -0.30 6.50 11.81
CA ILE B 153 0.71 5.47 11.66
C ILE B 153 1.36 5.22 13.01
N GLU B 154 1.55 6.29 13.78
CA GLU B 154 2.14 6.16 15.11
C GLU B 154 1.20 5.36 16.00
N SER B 155 -0.11 5.61 15.87
CA SER B 155 -1.12 4.89 16.63
C SER B 155 -1.05 3.40 16.30
N LEU B 156 -0.63 3.10 15.07
CA LEU B 156 -0.45 1.72 14.61
C LEU B 156 0.87 1.13 15.11
N TYR B 157 1.87 1.98 15.30
CA TYR B 157 3.09 1.53 15.95
C TYR B 157 2.74 1.04 17.34
N MET B 158 2.05 1.90 18.09
CA MET B 158 1.68 1.66 19.48
C MET B 158 0.97 0.32 19.64
N SER B 159 0.10 0.05 18.67
CA SER B 159 -0.82 -1.06 18.76
C SER B 159 -0.12 -2.36 18.36
N SER B 160 1.10 -2.26 17.79
CA SER B 160 1.85 -3.42 17.34
C SER B 160 2.62 -4.05 18.50
N ILE B 161 3.09 -3.19 19.42
CA ILE B 161 3.89 -3.58 20.57
C ILE B 161 3.11 -4.61 21.38
N THR B 162 3.81 -5.69 21.79
CA THR B 162 3.22 -6.76 22.58
C THR B 162 3.44 -6.54 24.08
N PHE B 163 2.34 -6.57 24.85
CA PHE B 163 2.38 -6.38 26.30
C PHE B 163 2.07 -7.71 26.99
N PHE B 164 2.14 -7.70 28.33
CA PHE B 164 1.83 -8.85 29.17
C PHE B 164 0.32 -9.06 29.29
N THR B 165 -0.44 -7.96 29.47
CA THR B 165 -1.90 -8.01 29.44
C THR B 165 -2.34 -8.86 28.26
N ASP B 166 -1.70 -8.63 27.11
CA ASP B 166 -1.94 -9.36 25.86
C ASP B 166 -1.76 -10.86 26.08
N LYS B 167 -0.58 -11.28 26.56
CA LYS B 167 -0.26 -12.69 26.78
C LYS B 167 -1.32 -13.35 27.65
N VAL B 168 -1.73 -12.64 28.71
CA VAL B 168 -2.75 -13.12 29.65
C VAL B 168 -4.03 -13.43 28.88
N ARG B 169 -4.57 -12.43 28.17
CA ARG B 169 -5.84 -12.59 27.46
C ARG B 169 -5.81 -13.85 26.60
N GLY B 170 -4.77 -14.04 25.79
CA GLY B 170 -4.59 -15.28 25.03
C GLY B 170 -4.84 -16.51 25.89
N VAL B 171 -4.17 -16.58 27.05
CA VAL B 171 -4.27 -17.71 27.98
C VAL B 171 -5.68 -17.80 28.55
N ILE B 172 -6.25 -16.67 29.00
CA ILE B 172 -7.64 -16.62 29.43
C ILE B 172 -8.53 -17.15 28.30
N GLU B 173 -8.24 -16.74 27.06
CA GLU B 173 -9.05 -17.07 25.88
C GLU B 173 -8.92 -18.55 25.49
N LYS B 174 -7.84 -19.23 25.91
CA LYS B 174 -7.72 -20.67 25.70
C LYS B 174 -9.06 -21.35 25.96
N ASP B 175 -9.77 -20.85 26.98
CA ASP B 175 -11.13 -21.29 27.30
C ASP B 175 -11.71 -20.33 28.34
N LEU B 176 -12.62 -19.42 27.92
CA LEU B 176 -13.22 -18.43 28.80
C LEU B 176 -14.13 -19.10 29.84
N SER B 177 -14.77 -20.21 29.48
CA SER B 177 -15.75 -20.88 30.33
C SER B 177 -15.06 -21.61 31.48
N ARG B 178 -13.77 -21.90 31.33
CA ARG B 178 -13.00 -22.66 32.31
C ARG B 178 -12.84 -21.83 33.58
N LYS B 179 -12.73 -22.52 34.72
CA LYS B 179 -12.69 -21.90 36.03
C LYS B 179 -11.32 -21.30 36.30
N TRP B 180 -11.13 -20.05 35.85
CA TRP B 180 -9.94 -19.26 36.11
C TRP B 180 -10.02 -18.63 37.50
N THR B 181 -8.95 -18.85 38.28
CA THR B 181 -8.65 -18.05 39.46
C THR B 181 -7.24 -17.54 39.26
N LEU B 182 -6.85 -16.47 39.98
CA LEU B 182 -5.47 -16.03 39.95
C LEU B 182 -4.55 -17.21 40.28
N ALA B 183 -5.00 -18.11 41.16
CA ALA B 183 -4.26 -19.29 41.60
C ALA B 183 -4.01 -20.25 40.43
N ILE B 184 -5.03 -20.47 39.61
CA ILE B 184 -4.93 -21.39 38.48
C ILE B 184 -4.02 -20.80 37.41
N ILE B 185 -4.03 -19.46 37.25
CA ILE B 185 -3.15 -18.78 36.29
C ILE B 185 -1.69 -18.98 36.71
N ALA B 186 -1.43 -18.78 38.01
CA ALA B 186 -0.16 -19.12 38.59
C ALA B 186 0.25 -20.53 38.14
N ASP B 187 -0.62 -21.52 38.39
CA ASP B 187 -0.37 -22.90 37.98
C ASP B 187 0.08 -22.93 36.52
N VAL B 188 -0.68 -22.24 35.64
CA VAL B 188 -0.57 -22.34 34.20
C VAL B 188 0.76 -21.78 33.69
N PHE B 189 1.28 -20.72 34.32
CA PHE B 189 2.55 -20.17 33.87
C PHE B 189 3.71 -20.72 34.71
N ASN B 190 3.42 -21.57 35.70
CA ASN B 190 4.43 -22.14 36.58
C ASN B 190 5.16 -20.98 37.28
N VAL B 191 4.35 -20.03 37.79
CA VAL B 191 4.83 -18.80 38.40
C VAL B 191 3.95 -18.51 39.61
N SER B 192 4.39 -17.55 40.44
CA SER B 192 3.62 -17.15 41.60
C SER B 192 2.48 -16.23 41.16
N GLU B 193 1.39 -16.23 41.94
CA GLU B 193 0.26 -15.33 41.74
C GLU B 193 0.72 -13.88 41.89
N ILE B 194 1.75 -13.66 42.71
CA ILE B 194 2.32 -12.33 42.90
C ILE B 194 2.88 -11.84 41.55
N THR B 195 3.65 -12.69 40.86
CA THR B 195 4.24 -12.35 39.57
C THR B 195 3.16 -11.78 38.64
N ILE B 196 2.07 -12.54 38.48
CA ILE B 196 0.96 -12.23 37.60
C ILE B 196 0.46 -10.81 37.88
N ARG B 197 -0.18 -10.63 39.04
CA ARG B 197 -0.85 -9.40 39.42
C ARG B 197 0.10 -8.19 39.41
N LYS B 198 1.39 -8.41 39.70
CA LYS B 198 2.36 -7.32 39.86
C LYS B 198 2.91 -6.86 38.50
N ARG B 199 3.12 -7.80 37.57
CA ARG B 199 3.49 -7.48 36.20
C ARG B 199 2.37 -6.65 35.55
N LEU B 200 1.11 -6.96 35.91
CA LEU B 200 -0.05 -6.20 35.48
C LEU B 200 -0.09 -4.82 36.14
N GLU B 201 0.26 -4.76 37.44
CA GLU B 201 0.22 -3.51 38.18
C GLU B 201 1.29 -2.54 37.67
N SER B 202 2.43 -3.06 37.20
CA SER B 202 3.42 -2.22 36.55
C SER B 202 2.89 -1.73 35.20
N GLU B 203 1.92 -2.45 34.63
CA GLU B 203 1.15 -2.01 33.46
C GLU B 203 -0.16 -1.33 33.87
N ASP B 204 -0.34 -1.07 35.18
CA ASP B 204 -1.45 -0.29 35.72
C ASP B 204 -2.80 -0.92 35.34
N THR B 205 -2.95 -2.23 35.60
CA THR B 205 -4.22 -2.94 35.44
C THR B 205 -4.29 -4.12 36.42
N ASN B 206 -5.49 -4.74 36.53
CA ASN B 206 -5.72 -5.89 37.39
C ASN B 206 -6.33 -7.04 36.59
N PHE B 207 -6.23 -8.25 37.16
CA PHE B 207 -6.64 -9.49 36.50
C PHE B 207 -8.15 -9.51 36.24
N ASN B 208 -8.96 -9.04 37.21
CA ASN B 208 -10.41 -9.04 37.05
C ASN B 208 -10.93 -8.05 36.01
N GLN B 209 -10.19 -6.96 35.73
CA GLN B 209 -10.57 -6.04 34.67
C GLN B 209 -10.33 -6.71 33.32
N ILE B 210 -9.16 -7.35 33.17
CA ILE B 210 -8.81 -8.13 32.00
C ILE B 210 -9.85 -9.24 31.79
N LEU B 211 -10.24 -9.91 32.89
CA LEU B 211 -11.21 -10.99 32.84
C LEU B 211 -12.60 -10.42 32.55
N MET B 212 -12.94 -9.29 33.20
CA MET B 212 -14.16 -8.55 32.89
C MET B 212 -14.29 -8.39 31.38
N GLN B 213 -13.29 -7.75 30.76
CA GLN B 213 -13.42 -7.30 29.38
C GLN B 213 -13.23 -8.48 28.44
N SER B 214 -12.45 -9.49 28.84
CA SER B 214 -12.39 -10.75 28.09
C SER B 214 -13.79 -11.32 27.92
N ARG B 215 -14.53 -11.39 29.04
CA ARG B 215 -15.87 -11.95 29.06
C ARG B 215 -16.86 -10.99 28.38
N MET B 216 -16.81 -9.70 28.73
CA MET B 216 -17.73 -8.70 28.17
C MET B 216 -17.53 -8.55 26.66
N SER B 217 -16.28 -8.74 26.20
CA SER B 217 -15.94 -8.74 24.78
C SER B 217 -16.66 -9.87 24.06
N LYS B 218 -16.38 -11.10 24.51
CA LYS B 218 -16.97 -12.30 23.94
C LYS B 218 -18.50 -12.14 23.93
N ALA B 219 -19.04 -11.68 25.06
CA ALA B 219 -20.47 -11.51 25.26
C ALA B 219 -21.08 -10.54 24.25
N ALA B 220 -20.59 -9.30 24.25
CA ALA B 220 -21.14 -8.26 23.41
C ALA B 220 -21.09 -8.67 21.93
N LEU B 221 -20.02 -9.37 21.54
CA LEU B 221 -19.84 -9.85 20.18
C LEU B 221 -20.85 -10.96 19.87
N LEU B 222 -21.02 -11.91 20.80
CA LEU B 222 -21.90 -13.05 20.60
C LEU B 222 -23.35 -12.60 20.45
N LEU B 223 -23.76 -11.53 21.15
CA LEU B 223 -25.13 -11.02 21.12
C LEU B 223 -25.55 -10.67 19.68
N LEU B 224 -24.62 -10.09 18.91
CA LEU B 224 -24.94 -9.55 17.60
C LEU B 224 -24.73 -10.59 16.51
N GLU B 225 -24.05 -11.71 16.84
CA GLU B 225 -23.66 -12.73 15.87
C GLU B 225 -24.81 -13.69 15.56
N ASN B 226 -25.33 -14.37 16.60
CA ASN B 226 -26.54 -15.17 16.49
C ASN B 226 -27.62 -14.56 17.38
N SER B 227 -28.83 -15.11 17.32
CA SER B 227 -29.84 -14.82 18.32
C SER B 227 -29.90 -15.97 19.33
N TYR B 228 -28.71 -16.41 19.78
CA TYR B 228 -28.61 -17.47 20.77
C TYR B 228 -28.89 -16.88 22.15
N GLN B 229 -29.34 -17.76 23.05
CA GLN B 229 -29.83 -17.32 24.36
C GLN B 229 -28.67 -16.86 25.24
N ILE B 230 -29.00 -15.93 26.16
CA ILE B 230 -28.07 -15.40 27.14
C ILE B 230 -27.50 -16.54 28.00
N SER B 231 -28.33 -17.56 28.27
CA SER B 231 -27.90 -18.77 28.95
C SER B 231 -26.70 -19.40 28.24
N GLN B 232 -26.83 -19.57 26.92
CA GLN B 232 -25.76 -20.11 26.10
C GLN B 232 -24.51 -19.25 26.24
N ILE B 233 -24.68 -17.93 26.04
CA ILE B 233 -23.59 -16.96 26.14
C ILE B 233 -22.98 -17.02 27.54
N SER B 234 -23.83 -17.06 28.59
CA SER B 234 -23.36 -17.09 29.97
C SER B 234 -22.49 -18.32 30.23
N ASN B 235 -22.90 -19.47 29.67
CA ASN B 235 -22.08 -20.68 29.62
C ASN B 235 -20.76 -20.38 28.94
N MET B 236 -20.83 -19.76 27.75
CA MET B 236 -19.69 -19.55 26.86
C MET B 236 -18.57 -18.76 27.55
N ILE B 237 -18.92 -17.81 28.41
CA ILE B 237 -17.94 -16.93 29.02
C ILE B 237 -17.70 -17.33 30.49
N GLY B 238 -18.30 -18.44 30.93
CA GLY B 238 -17.98 -19.06 32.19
C GLY B 238 -18.65 -18.37 33.38
N ILE B 239 -19.89 -17.93 33.20
CA ILE B 239 -20.68 -17.34 34.28
C ILE B 239 -21.84 -18.28 34.59
N SER B 240 -21.97 -18.62 35.89
CA SER B 240 -22.84 -19.70 36.35
C SER B 240 -24.31 -19.30 36.30
N SER B 241 -24.60 -18.03 36.64
CA SER B 241 -25.96 -17.50 36.70
C SER B 241 -26.22 -16.56 35.52
N ALA B 242 -27.34 -16.80 34.81
CA ALA B 242 -27.73 -15.98 33.67
C ALA B 242 -28.19 -14.59 34.14
N SER B 243 -28.86 -14.55 35.30
CA SER B 243 -29.22 -13.31 35.99
C SER B 243 -27.97 -12.48 36.28
N TYR B 244 -26.93 -13.15 36.78
CA TYR B 244 -25.66 -12.53 37.18
C TYR B 244 -25.05 -11.81 35.97
N PHE B 245 -25.01 -12.50 34.81
CA PHE B 245 -24.43 -11.94 33.60
C PHE B 245 -25.04 -10.58 33.24
N ILE B 246 -26.38 -10.52 33.17
CA ILE B 246 -27.13 -9.39 32.65
C ILE B 246 -26.84 -8.12 33.46
N ARG B 247 -26.60 -8.28 34.75
CA ARG B 247 -26.41 -7.13 35.63
C ARG B 247 -24.98 -6.61 35.49
N ILE B 248 -24.02 -7.54 35.30
CA ILE B 248 -22.63 -7.19 35.00
C ILE B 248 -22.59 -6.39 33.69
N PHE B 249 -23.36 -6.87 32.71
CA PHE B 249 -23.48 -6.25 31.40
C PHE B 249 -23.98 -4.82 31.52
N ASN B 250 -25.13 -4.60 32.17
CA ASN B 250 -25.76 -3.29 32.23
C ASN B 250 -24.90 -2.29 33.02
N LYS B 251 -24.25 -2.78 34.09
CA LYS B 251 -23.37 -1.96 34.91
C LYS B 251 -22.11 -1.61 34.12
N HIS B 252 -21.70 -2.45 33.16
CA HIS B 252 -20.50 -2.20 32.36
C HIS B 252 -20.78 -1.18 31.25
N PHE B 253 -21.85 -1.41 30.45
CA PHE B 253 -22.07 -0.70 29.19
C PHE B 253 -23.21 0.32 29.29
N GLY B 254 -23.86 0.44 30.44
CA GLY B 254 -24.88 1.46 30.65
C GLY B 254 -26.16 1.19 29.88
N VAL B 255 -26.32 -0.04 29.38
CA VAL B 255 -27.57 -0.53 28.81
C VAL B 255 -27.61 -2.04 29.03
N THR B 256 -28.83 -2.61 28.96
CA THR B 256 -29.02 -4.04 29.17
C THR B 256 -28.72 -4.82 27.90
N PRO B 257 -28.50 -6.16 27.97
CA PRO B 257 -28.36 -6.99 26.76
C PRO B 257 -29.42 -6.79 25.68
N LYS B 258 -30.65 -6.54 26.12
CA LYS B 258 -31.83 -6.45 25.26
C LYS B 258 -31.74 -5.23 24.35
N GLN B 259 -31.63 -4.04 24.95
CA GLN B 259 -31.61 -2.77 24.23
C GLN B 259 -30.42 -2.72 23.27
N PHE B 260 -29.31 -3.35 23.68
CA PHE B 260 -28.06 -3.35 22.92
C PHE B 260 -28.25 -4.11 21.60
N PHE B 261 -28.82 -5.32 21.65
CA PHE B 261 -29.13 -6.06 20.43
C PHE B 261 -30.11 -5.26 19.59
N ASN B 262 -31.18 -4.77 20.24
CA ASN B 262 -32.20 -3.93 19.62
C ASN B 262 -31.54 -2.85 18.77
N TYR B 263 -30.51 -2.20 19.31
CA TYR B 263 -29.93 -1.03 18.68
C TYR B 263 -29.12 -1.40 17.43
N PHE B 264 -28.20 -2.37 17.57
CA PHE B 264 -27.11 -2.56 16.61
C PHE B 264 -27.52 -3.53 15.51
N LYS B 265 -28.49 -4.41 15.79
CA LYS B 265 -29.08 -5.27 14.78
C LYS B 265 -30.45 -4.68 14.38
#